data_7ZQF
#
_entry.id   7ZQF
#
_cell.length_a   48.918
_cell.length_b   60.253
_cell.length_c   82.385
_cell.angle_alpha   90.000
_cell.angle_beta   90.000
_cell.angle_gamma   90.000
#
_symmetry.space_group_name_H-M   'P 21 21 21'
#
loop_
_entity.id
_entity.type
_entity.pdbx_description
1 polymer 'Serine protease subunit NS2B'
2 polymer 'Serine protease NS3'
3 non-polymer GLYCEROL
4 non-polymer 1-[(8R,15S,18S)-15-(4-azanylbutyl)-18-[(3-azanyl-4-oxidanyl-phenyl)methyl]-4,7,14,17,20-pentakis(oxidanylidene)-3,6,13,16,19-pentazabicyclo[20.3.1]hexacosa-1(25),22(26),23-trien-8-yl]guanidine
5 water water
#
loop_
_entity_poly.entity_id
_entity_poly.type
_entity_poly.pdbx_seq_one_letter_code
_entity_poly.pdbx_strand_id
1 'polypeptide(L)' MTGKSVDMYIERAGDITWEKDAEVTGNSPRLDVALDESGDFSLVEEDGPPMRE A
2 'polypeptide(L)'
;GSGALWDVPAPKEVKKGETTDGVYRVMTRRLLGSTQVGVGVMQEGVFHTMWHVTKGAALRSGEGRLDPYWGDVKQDLVSY
CGPWKLDAAWDGLSEVQLLAVPPGERAKNIQTLPGIFKTKDGDIGAVALDYPAGTSGSPILDKCGRVIGLYGNGVVIKNG
SYVSAITQGKREEETPVE
;
B
#
# COMPACT_ATOMS: atom_id res chain seq x y z
N VAL A 6 -16.38 -13.19 12.85
CA VAL A 6 -15.23 -12.72 12.09
C VAL A 6 -15.23 -11.20 12.02
N ASP A 7 -14.91 -10.55 13.15
CA ASP A 7 -14.96 -9.10 13.27
C ASP A 7 -13.70 -8.51 12.64
N MET A 8 -13.85 -7.85 11.49
CA MET A 8 -12.77 -7.08 10.90
C MET A 8 -13.04 -5.60 11.18
N TYR A 9 -12.04 -4.90 11.72
CA TYR A 9 -12.25 -3.53 12.16
C TYR A 9 -11.00 -2.72 11.90
N ILE A 10 -11.16 -1.40 11.92
CA ILE A 10 -10.01 -0.53 11.69
C ILE A 10 -9.74 0.31 12.93
N GLU A 11 -8.48 0.70 13.08
CA GLU A 11 -8.10 1.57 14.19
C GLU A 11 -7.02 2.53 13.71
N ARG A 12 -7.19 3.81 14.04
CA ARG A 12 -6.27 4.81 13.50
C ARG A 12 -4.87 4.55 14.05
N ALA A 13 -3.87 4.76 13.17
CA ALA A 13 -2.49 4.50 13.50
C ALA A 13 -1.59 5.71 13.32
N GLY A 14 -2.04 6.77 12.67
CA GLY A 14 -1.19 7.93 12.55
C GLY A 14 -1.68 8.90 11.50
N ASP A 15 -0.97 10.02 11.44
CA ASP A 15 -1.16 11.04 10.42
C ASP A 15 -0.29 10.71 9.21
N ILE A 16 -0.76 11.10 8.04
CA ILE A 16 -0.03 10.84 6.80
C ILE A 16 0.79 12.07 6.47
N THR A 17 2.09 11.99 6.74
N THR A 17 2.11 11.97 6.70
CA THR A 17 3.00 13.09 6.45
CA THR A 17 3.03 13.10 6.57
C THR A 17 4.35 12.53 6.02
C THR A 17 4.41 12.60 6.17
N TRP A 18 5.08 13.35 5.28
CA TRP A 18 6.48 13.09 4.97
C TRP A 18 7.34 13.49 6.16
N GLU A 19 8.29 12.62 6.50
N GLU A 19 8.32 12.66 6.50
CA GLU A 19 9.23 12.86 7.58
CA GLU A 19 9.17 12.94 7.65
C GLU A 19 10.50 13.48 7.00
C GLU A 19 10.55 13.41 7.17
N LYS A 20 10.90 14.63 7.53
CA LYS A 20 12.19 15.19 7.13
C LYS A 20 13.32 14.38 7.74
N ASP A 21 14.42 14.27 6.99
CA ASP A 21 15.62 13.60 7.49
C ASP A 21 15.28 12.18 7.95
N ALA A 22 14.61 11.44 7.07
CA ALA A 22 14.24 10.06 7.36
C ALA A 22 15.38 9.13 6.98
N GLU A 23 15.36 7.93 7.56
CA GLU A 23 16.31 6.90 7.17
C GLU A 23 16.04 6.52 5.72
N VAL A 24 17.11 6.44 4.94
CA VAL A 24 17.06 6.03 3.53
C VAL A 24 17.64 4.63 3.41
N THR A 25 16.90 3.71 2.81
CA THR A 25 17.41 2.37 2.67
C THR A 25 16.76 1.69 1.46
N GLY A 26 17.29 0.53 1.14
CA GLY A 26 16.80 -0.24 0.00
C GLY A 26 17.51 0.14 -1.28
N ASN A 27 17.61 -0.84 -2.17
CA ASN A 27 18.18 -0.56 -3.49
C ASN A 27 17.04 -0.19 -4.44
N SER A 28 17.32 -0.20 -5.75
CA SER A 28 16.41 0.31 -6.77
C SER A 28 16.39 -0.69 -7.91
N PRO A 29 15.85 -1.89 -7.66
CA PRO A 29 15.99 -2.94 -8.68
C PRO A 29 15.10 -2.68 -9.87
N ARG A 30 15.61 -3.04 -11.05
CA ARG A 30 14.84 -2.95 -12.29
C ARG A 30 14.59 -4.38 -12.75
N LEU A 31 13.32 -4.79 -12.68
CA LEU A 31 12.92 -6.18 -12.83
C LEU A 31 11.90 -6.35 -13.94
N ASP A 32 12.05 -7.39 -14.73
CA ASP A 32 11.04 -7.77 -15.71
C ASP A 32 10.01 -8.64 -15.00
N VAL A 33 8.75 -8.20 -14.98
N VAL A 33 8.74 -8.22 -15.07
CA VAL A 33 7.71 -8.93 -14.28
CA VAL A 33 7.66 -8.80 -14.27
C VAL A 33 6.46 -9.04 -15.15
C VAL A 33 6.43 -9.00 -15.14
N ALA A 34 5.63 -10.00 -14.78
CA ALA A 34 4.33 -10.22 -15.39
C ALA A 34 3.27 -10.15 -14.30
N LEU A 35 2.10 -9.65 -14.67
CA LEU A 35 0.95 -9.53 -13.77
C LEU A 35 -0.19 -10.37 -14.34
N ASP A 36 -0.67 -11.35 -13.57
CA ASP A 36 -1.73 -12.20 -14.10
C ASP A 36 -3.08 -11.64 -13.70
N GLU A 37 -4.15 -12.27 -14.19
CA GLU A 37 -5.50 -11.76 -13.99
C GLU A 37 -5.96 -11.85 -12.54
N SER A 38 -5.27 -12.62 -11.71
CA SER A 38 -5.57 -12.72 -10.30
C SER A 38 -4.82 -11.69 -9.47
N GLY A 39 -4.08 -10.79 -10.12
CA GLY A 39 -3.35 -9.76 -9.40
C GLY A 39 -2.04 -10.22 -8.81
N ASP A 40 -1.47 -11.30 -9.34
CA ASP A 40 -0.20 -11.83 -8.84
C ASP A 40 0.93 -11.46 -9.79
N PHE A 41 1.98 -10.86 -9.25
CA PHE A 41 3.20 -10.58 -10.00
C PHE A 41 4.17 -11.75 -9.92
N SER A 42 4.82 -12.03 -11.05
CA SER A 42 5.89 -13.01 -11.11
C SER A 42 7.06 -12.46 -11.90
N LEU A 43 8.24 -12.98 -11.60
CA LEU A 43 9.43 -12.65 -12.36
C LEU A 43 9.35 -13.30 -13.73
N VAL A 44 9.81 -12.57 -14.74
CA VAL A 44 10.04 -13.12 -16.07
C VAL A 44 11.50 -13.57 -16.11
N GLU A 45 11.71 -14.87 -16.24
CA GLU A 45 13.06 -15.47 -16.13
C GLU A 45 13.54 -16.01 -17.46
N THR B 19 -14.49 8.26 10.61
CA THR B 19 -13.79 8.20 9.33
C THR B 19 -12.83 9.37 9.15
N THR B 20 -12.09 9.73 10.19
CA THR B 20 -11.16 10.86 10.09
C THR B 20 -9.95 10.50 9.23
N ASP B 21 -9.47 11.48 8.45
CA ASP B 21 -8.32 11.25 7.58
C ASP B 21 -7.14 10.68 8.37
N GLY B 22 -6.42 9.75 7.76
CA GLY B 22 -5.23 9.20 8.38
C GLY B 22 -4.94 7.81 7.88
N VAL B 23 -3.94 7.18 8.49
CA VAL B 23 -3.60 5.79 8.22
C VAL B 23 -4.10 4.94 9.36
N TYR B 24 -4.62 3.75 9.02
CA TYR B 24 -5.33 2.88 9.95
C TYR B 24 -4.79 1.47 9.83
N ARG B 25 -4.79 0.75 10.95
CA ARG B 25 -4.58 -0.69 10.94
C ARG B 25 -5.90 -1.39 10.65
N VAL B 26 -5.84 -2.49 9.92
CA VAL B 26 -6.97 -3.37 9.67
C VAL B 26 -6.75 -4.62 10.48
N MET B 27 -7.67 -4.88 11.42
CA MET B 27 -7.53 -5.93 12.41
C MET B 27 -8.65 -6.94 12.27
N THR B 28 -8.38 -8.16 12.70
CA THR B 28 -9.41 -9.18 12.84
C THR B 28 -9.42 -9.69 14.28
N ARG B 29 -10.62 -9.96 14.78
CA ARG B 29 -10.77 -10.44 16.15
C ARG B 29 -11.60 -11.71 16.13
N SER B 34 -6.59 -10.25 18.86
CA SER B 34 -6.66 -9.58 17.57
C SER B 34 -5.38 -9.79 16.77
N THR B 35 -5.51 -9.83 15.43
CA THR B 35 -4.39 -9.94 14.51
C THR B 35 -4.49 -8.79 13.51
N GLN B 36 -3.36 -8.16 13.21
CA GLN B 36 -3.33 -7.13 12.18
C GLN B 36 -3.13 -7.81 10.82
N VAL B 37 -4.14 -7.68 9.94
CA VAL B 37 -4.02 -8.26 8.61
C VAL B 37 -3.63 -7.23 7.54
N GLY B 38 -3.72 -5.94 7.84
CA GLY B 38 -3.24 -4.95 6.91
C GLY B 38 -3.38 -3.56 7.46
N VAL B 39 -3.44 -2.61 6.52
CA VAL B 39 -3.34 -1.18 6.75
C VAL B 39 -4.14 -0.51 5.65
N GLY B 40 -4.63 0.70 5.90
CA GLY B 40 -5.23 1.44 4.80
C GLY B 40 -5.25 2.92 5.10
N VAL B 41 -5.76 3.66 4.11
CA VAL B 41 -5.77 5.12 4.11
C VAL B 41 -7.20 5.62 4.07
N MET B 42 -7.55 6.50 5.01
CA MET B 42 -8.79 7.24 4.99
C MET B 42 -8.51 8.61 4.38
N GLN B 43 -9.15 8.92 3.24
CA GLN B 43 -9.01 10.22 2.60
C GLN B 43 -10.34 10.58 1.97
N GLU B 44 -10.82 11.79 2.23
CA GLU B 44 -12.05 12.28 1.61
C GLU B 44 -13.21 11.34 1.90
N GLY B 45 -13.22 10.77 3.10
CA GLY B 45 -14.33 9.94 3.55
C GLY B 45 -14.35 8.56 2.95
N VAL B 46 -13.28 8.15 2.29
CA VAL B 46 -13.18 6.85 1.64
C VAL B 46 -12.01 6.11 2.24
N PHE B 47 -12.20 4.83 2.54
CA PHE B 47 -11.13 3.99 3.07
C PHE B 47 -10.56 3.16 1.92
N HIS B 48 -9.23 3.17 1.82
CA HIS B 48 -8.50 2.59 0.72
C HIS B 48 -7.56 1.53 1.27
N THR B 49 -7.60 0.31 0.72
CA THR B 49 -6.66 -0.71 1.14
C THR B 49 -6.43 -1.66 -0.02
N MET B 50 -5.61 -2.67 0.20
CA MET B 50 -5.38 -3.67 -0.85
C MET B 50 -6.44 -4.75 -0.71
N TRP B 51 -6.90 -5.26 -1.87
CA TRP B 51 -7.99 -6.22 -1.85
C TRP B 51 -7.65 -7.43 -1.00
N HIS B 52 -6.40 -7.92 -1.07
CA HIS B 52 -6.08 -9.15 -0.36
C HIS B 52 -6.12 -9.00 1.16
N VAL B 53 -6.19 -7.77 1.68
CA VAL B 53 -6.28 -7.55 3.11
C VAL B 53 -7.67 -7.91 3.62
N THR B 54 -8.71 -7.44 2.92
CA THR B 54 -10.09 -7.62 3.38
C THR B 54 -10.92 -8.56 2.52
N LYS B 55 -10.49 -8.81 1.28
CA LYS B 55 -11.30 -9.52 0.29
C LYS B 55 -12.70 -8.92 0.13
N GLY B 56 -12.81 -7.61 0.37
CA GLY B 56 -14.08 -6.91 0.22
C GLY B 56 -15.01 -7.03 1.39
N ALA B 57 -14.61 -7.65 2.47
CA ALA B 57 -15.50 -7.79 3.60
C ALA B 57 -15.78 -6.43 4.22
N ALA B 58 -16.93 -6.33 4.87
CA ALA B 58 -17.29 -5.09 5.56
C ALA B 58 -16.34 -4.85 6.74
N LEU B 59 -16.11 -3.58 7.04
CA LEU B 59 -15.25 -3.15 8.13
C LEU B 59 -16.03 -2.45 9.22
N ARG B 60 -15.71 -2.75 10.48
CA ARG B 60 -16.23 -1.99 11.60
C ARG B 60 -15.31 -0.80 11.85
N SER B 61 -15.90 0.36 12.10
CA SER B 61 -15.14 1.55 12.49
C SER B 61 -15.86 2.12 13.69
N GLY B 62 -15.25 2.01 14.86
CA GLY B 62 -15.95 2.29 16.10
C GLY B 62 -17.25 1.52 16.16
N GLU B 63 -18.38 2.23 16.10
CA GLU B 63 -19.69 1.59 16.10
C GLU B 63 -20.34 1.58 14.72
N GLY B 64 -19.66 2.03 13.66
CA GLY B 64 -20.24 2.09 12.34
C GLY B 64 -19.69 1.04 11.40
N ARG B 65 -20.42 0.72 10.33
CA ARG B 65 -20.02 -0.28 9.35
C ARG B 65 -19.60 0.41 8.06
N LEU B 66 -18.46 0.04 7.52
CA LEU B 66 -18.00 0.53 6.21
C LEU B 66 -18.21 -0.58 5.19
N ASP B 67 -18.89 -0.26 4.11
CA ASP B 67 -19.18 -1.26 3.09
C ASP B 67 -18.30 -1.03 1.86
N PRO B 68 -17.87 -2.08 1.18
CA PRO B 68 -17.08 -1.88 -0.03
C PRO B 68 -17.89 -1.13 -1.08
N TYR B 69 -17.19 -0.31 -1.85
CA TYR B 69 -17.79 0.46 -2.93
C TYR B 69 -17.26 0.05 -4.28
N TRP B 70 -15.95 -0.09 -4.40
CA TRP B 70 -15.26 -0.43 -5.64
C TRP B 70 -14.08 -1.33 -5.30
N GLY B 71 -13.76 -2.24 -6.21
CA GLY B 71 -12.53 -3.00 -6.07
C GLY B 71 -12.15 -3.65 -7.38
N ASP B 72 -10.93 -4.16 -7.41
CA ASP B 72 -10.39 -4.77 -8.63
C ASP B 72 -9.35 -5.78 -8.20
N VAL B 73 -9.62 -7.07 -8.43
CA VAL B 73 -8.68 -8.11 -8.03
C VAL B 73 -7.34 -7.95 -8.73
N LYS B 74 -7.35 -7.64 -10.03
CA LYS B 74 -6.08 -7.59 -10.75
C LYS B 74 -5.18 -6.46 -10.25
N GLN B 75 -5.78 -5.30 -9.91
CA GLN B 75 -5.02 -4.23 -9.30
C GLN B 75 -4.72 -4.48 -7.82
N ASP B 76 -5.46 -5.42 -7.23
CA ASP B 76 -5.36 -5.77 -5.81
C ASP B 76 -5.71 -4.57 -4.92
N LEU B 77 -6.81 -3.89 -5.27
CA LEU B 77 -7.25 -2.69 -4.55
C LEU B 77 -8.73 -2.75 -4.24
N VAL B 78 -9.13 -2.07 -3.16
CA VAL B 78 -10.54 -1.95 -2.79
C VAL B 78 -10.74 -0.63 -2.06
N SER B 79 -11.89 0.00 -2.29
CA SER B 79 -12.27 1.19 -1.55
C SER B 79 -13.63 0.99 -0.89
N TYR B 80 -13.83 1.73 0.21
CA TYR B 80 -15.01 1.66 1.05
C TYR B 80 -15.64 3.04 1.12
N CYS B 81 -16.96 3.09 1.01
CA CYS B 81 -17.81 4.25 1.24
C CYS B 81 -17.85 5.18 0.04
N GLY B 82 -17.02 4.99 -0.96
CA GLY B 82 -17.00 5.82 -2.14
C GLY B 82 -15.91 5.37 -3.08
N PRO B 83 -15.77 6.06 -4.21
CA PRO B 83 -14.79 5.66 -5.21
C PRO B 83 -13.37 6.01 -4.77
N TRP B 84 -12.43 5.32 -5.40
CA TRP B 84 -11.01 5.54 -5.15
C TRP B 84 -10.66 7.02 -5.31
N LYS B 85 -10.04 7.61 -4.27
CA LYS B 85 -9.75 9.03 -4.23
C LYS B 85 -8.28 9.38 -4.44
N LEU B 86 -7.37 8.43 -4.31
CA LEU B 86 -5.95 8.71 -4.33
C LEU B 86 -5.48 8.77 -5.78
N ASP B 87 -5.07 9.94 -6.24
CA ASP B 87 -4.70 10.07 -7.64
C ASP B 87 -3.28 10.56 -7.88
N ALA B 88 -2.49 10.79 -6.83
CA ALA B 88 -1.12 11.23 -7.05
C ALA B 88 -0.30 10.10 -7.63
N ALA B 89 0.65 10.45 -8.49
CA ALA B 89 1.50 9.45 -9.13
C ALA B 89 2.95 9.73 -8.82
N TRP B 90 3.72 8.66 -8.65
CA TRP B 90 5.17 8.80 -8.61
C TRP B 90 5.65 9.53 -9.85
N ASP B 91 6.56 10.49 -9.66
CA ASP B 91 7.06 11.26 -10.79
C ASP B 91 8.11 10.52 -11.61
N GLY B 92 8.43 9.28 -11.26
CA GLY B 92 9.37 8.49 -12.00
C GLY B 92 10.81 8.84 -11.76
N LEU B 93 11.10 9.70 -10.78
CA LEU B 93 12.42 10.27 -10.61
C LEU B 93 12.84 10.34 -9.14
N SER B 94 11.94 10.81 -8.27
CA SER B 94 12.28 11.20 -6.91
C SER B 94 12.20 10.06 -5.91
N GLU B 95 12.90 10.23 -4.80
CA GLU B 95 12.73 9.34 -3.66
C GLU B 95 11.33 9.48 -3.07
N VAL B 96 10.90 8.41 -2.40
CA VAL B 96 9.57 8.32 -1.84
C VAL B 96 9.72 7.84 -0.39
N GLN B 97 8.61 7.84 0.34
CA GLN B 97 8.60 7.30 1.69
C GLN B 97 7.49 6.29 1.84
N LEU B 98 7.83 5.13 2.36
CA LEU B 98 6.84 4.19 2.86
C LEU B 98 6.48 4.57 4.28
N LEU B 99 5.20 4.83 4.52
CA LEU B 99 4.70 5.05 5.87
C LEU B 99 4.28 3.66 6.37
N ALA B 100 5.26 2.93 6.86
CA ALA B 100 5.05 1.54 7.25
C ALA B 100 4.30 1.47 8.56
N VAL B 101 3.27 0.63 8.61
CA VAL B 101 2.54 0.41 9.87
C VAL B 101 2.59 -1.08 10.16
N PRO B 102 3.72 -1.59 10.66
CA PRO B 102 3.85 -3.02 10.84
C PRO B 102 3.04 -3.51 12.02
N PRO B 103 2.65 -4.77 12.02
CA PRO B 103 1.94 -5.31 13.18
C PRO B 103 2.76 -5.13 14.45
N GLY B 104 2.12 -4.61 15.49
CA GLY B 104 2.78 -4.46 16.77
C GLY B 104 3.82 -3.38 16.86
N GLU B 105 3.96 -2.51 15.85
CA GLU B 105 4.96 -1.46 15.84
C GLU B 105 4.32 -0.13 15.43
N ARG B 106 4.83 0.97 15.97
CA ARG B 106 4.27 2.27 15.62
C ARG B 106 4.58 2.63 14.18
N ALA B 107 3.71 3.45 13.61
CA ALA B 107 3.92 3.90 12.24
C ALA B 107 5.25 4.62 12.13
N LYS B 108 5.99 4.34 11.05
CA LYS B 108 7.28 4.98 10.81
C LYS B 108 7.47 5.19 9.32
N ASN B 109 8.25 6.21 8.98
CA ASN B 109 8.54 6.54 7.60
C ASN B 109 9.92 6.03 7.21
N ILE B 110 9.99 5.36 6.06
CA ILE B 110 11.23 4.83 5.48
C ILE B 110 11.38 5.42 4.10
N GLN B 111 12.50 6.08 3.85
CA GLN B 111 12.72 6.73 2.56
C GLN B 111 13.53 5.80 1.65
N THR B 112 13.22 5.83 0.36
CA THR B 112 13.87 4.94 -0.59
C THR B 112 13.76 5.52 -1.98
N LEU B 113 14.68 5.12 -2.87
CA LEU B 113 14.55 5.43 -4.28
C LEU B 113 13.94 4.24 -4.99
N PRO B 114 12.74 4.34 -5.57
CA PRO B 114 12.14 3.17 -6.19
C PRO B 114 12.97 2.61 -7.33
N GLY B 115 12.88 1.30 -7.47
CA GLY B 115 13.18 0.63 -8.72
C GLY B 115 11.96 0.61 -9.62
N ILE B 116 11.97 -0.35 -10.55
CA ILE B 116 10.98 -0.39 -11.62
C ILE B 116 10.56 -1.83 -11.84
N PHE B 117 9.25 -2.08 -11.90
CA PHE B 117 8.71 -3.28 -12.52
C PHE B 117 8.47 -2.96 -14.00
N LYS B 118 9.19 -3.66 -14.89
CA LYS B 118 9.00 -3.50 -16.34
C LYS B 118 8.01 -4.58 -16.78
N THR B 119 6.83 -4.17 -17.24
CA THR B 119 5.80 -5.11 -17.69
C THR B 119 5.46 -4.84 -19.14
N LYS B 120 4.76 -5.80 -19.75
CA LYS B 120 4.33 -5.65 -21.12
C LYS B 120 3.43 -4.43 -21.31
N ASP B 121 2.83 -3.95 -20.23
CA ASP B 121 1.90 -2.83 -20.27
C ASP B 121 2.49 -1.54 -19.70
N GLY B 122 3.79 -1.49 -19.48
CA GLY B 122 4.46 -0.29 -19.03
C GLY B 122 5.19 -0.51 -17.73
N ASP B 123 5.88 0.54 -17.30
CA ASP B 123 6.70 0.47 -16.10
C ASP B 123 5.88 0.89 -14.88
N ILE B 124 6.15 0.25 -13.75
CA ILE B 124 5.55 0.58 -12.46
C ILE B 124 6.69 0.80 -11.48
N GLY B 125 6.65 1.91 -10.75
CA GLY B 125 7.59 2.08 -9.67
C GLY B 125 7.45 0.97 -8.65
N ALA B 126 8.55 0.66 -7.96
CA ALA B 126 8.58 -0.48 -7.06
C ALA B 126 9.58 -0.21 -5.94
N VAL B 127 9.26 -0.63 -4.73
CA VAL B 127 10.11 -0.34 -3.58
C VAL B 127 10.66 -1.62 -2.97
N ALA B 128 11.97 -1.62 -2.75
CA ALA B 128 12.68 -2.81 -2.26
C ALA B 128 12.77 -2.71 -0.74
N LEU B 129 11.60 -2.89 -0.12
CA LEU B 129 11.43 -2.82 1.32
C LEU B 129 10.59 -4.01 1.74
N ASP B 130 11.03 -4.71 2.78
CA ASP B 130 10.47 -5.99 3.16
C ASP B 130 9.92 -5.92 4.58
N TYR B 131 8.61 -6.04 4.71
CA TYR B 131 7.91 -5.98 5.98
C TYR B 131 6.94 -7.14 6.12
N PRO B 132 6.45 -7.39 7.33
CA PRO B 132 5.49 -8.49 7.53
C PRO B 132 4.24 -8.32 6.67
N ALA B 133 3.59 -9.46 6.44
CA ALA B 133 2.40 -9.49 5.59
C ALA B 133 1.35 -8.47 6.04
N GLY B 134 1.16 -8.31 7.36
CA GLY B 134 0.17 -7.39 7.89
C GLY B 134 0.46 -5.91 7.69
N THR B 135 1.61 -5.60 7.07
CA THR B 135 1.93 -4.23 6.67
C THR B 135 1.28 -3.86 5.34
N SER B 136 0.71 -4.85 4.65
CA SER B 136 -0.03 -4.64 3.41
C SER B 136 -0.99 -3.49 3.54
N GLY B 137 -0.99 -2.60 2.54
CA GLY B 137 -1.84 -1.44 2.54
C GLY B 137 -1.20 -0.17 3.07
N SER B 138 0.01 -0.26 3.60
CA SER B 138 0.69 0.94 4.08
C SER B 138 0.93 1.90 2.92
N PRO B 139 0.72 3.20 3.13
CA PRO B 139 0.83 4.15 2.02
C PRO B 139 2.26 4.52 1.70
N ILE B 140 2.48 4.79 0.42
CA ILE B 140 3.75 5.29 -0.11
C ILE B 140 3.51 6.73 -0.51
N LEU B 141 4.40 7.62 -0.09
CA LEU B 141 4.19 9.06 -0.15
C LEU B 141 5.22 9.75 -1.04
N ASP B 142 4.77 10.84 -1.69
CA ASP B 142 5.72 11.76 -2.29
C ASP B 142 6.07 12.86 -1.28
N LYS B 143 6.96 13.78 -1.70
CA LYS B 143 7.49 14.78 -0.77
C LYS B 143 6.44 15.79 -0.33
N CYS B 144 5.32 15.87 -1.03
CA CYS B 144 4.21 16.69 -0.59
C CYS B 144 3.28 15.97 0.37
N GLY B 145 3.62 14.73 0.75
CA GLY B 145 2.77 13.96 1.62
C GLY B 145 1.61 13.28 0.95
N ARG B 146 1.50 13.38 -0.37
CA ARG B 146 0.41 12.75 -1.10
C ARG B 146 0.67 11.26 -1.23
N VAL B 147 -0.41 10.48 -1.18
CA VAL B 147 -0.28 9.03 -1.31
C VAL B 147 -0.20 8.67 -2.80
N ILE B 148 0.96 8.18 -3.23
CA ILE B 148 1.17 7.79 -4.62
C ILE B 148 0.92 6.30 -4.85
N GLY B 149 0.62 5.56 -3.80
CA GLY B 149 0.20 4.18 -3.95
C GLY B 149 0.27 3.47 -2.61
N LEU B 150 -0.08 2.19 -2.65
CA LEU B 150 -0.09 1.34 -1.47
C LEU B 150 0.90 0.21 -1.62
N TYR B 151 1.52 -0.15 -0.51
CA TYR B 151 2.53 -1.20 -0.40
C TYR B 151 1.90 -2.57 -0.20
N GLY B 152 2.46 -3.59 -0.87
CA GLY B 152 2.15 -4.96 -0.51
C GLY B 152 1.76 -5.92 -1.59
N ASN B 153 1.79 -5.54 -2.86
CA ASN B 153 1.64 -6.51 -3.95
C ASN B 153 2.95 -6.50 -4.74
N GLY B 154 3.67 -7.61 -4.71
CA GLY B 154 5.03 -7.58 -5.20
C GLY B 154 5.56 -8.93 -5.61
N VAL B 155 6.89 -9.02 -5.67
CA VAL B 155 7.60 -10.23 -6.07
C VAL B 155 8.64 -10.57 -5.02
N VAL B 156 9.02 -11.84 -5.00
CA VAL B 156 10.14 -12.33 -4.20
C VAL B 156 11.28 -12.58 -5.18
N ILE B 157 12.42 -11.93 -4.94
CA ILE B 157 13.56 -12.06 -5.86
C ILE B 157 14.46 -13.20 -5.39
N LYS B 158 15.55 -13.43 -6.12
CA LYS B 158 16.29 -14.67 -5.98
C LYS B 158 16.82 -14.90 -4.57
N ASN B 159 17.22 -13.83 -3.87
CA ASN B 159 17.79 -13.99 -2.53
C ASN B 159 16.74 -14.07 -1.45
N GLY B 160 15.46 -14.10 -1.84
CA GLY B 160 14.37 -14.23 -0.91
C GLY B 160 13.80 -12.93 -0.42
N SER B 161 14.41 -11.80 -0.77
CA SER B 161 13.85 -10.54 -0.32
C SER B 161 12.70 -10.11 -1.24
N TYR B 162 12.07 -9.02 -0.88
CA TYR B 162 10.79 -8.64 -1.44
C TYR B 162 10.89 -7.28 -2.11
N VAL B 163 10.17 -7.11 -3.20
CA VAL B 163 10.02 -5.81 -3.87
C VAL B 163 8.54 -5.60 -4.12
N SER B 164 7.99 -4.47 -3.64
CA SER B 164 6.58 -4.16 -3.78
C SER B 164 6.36 -3.19 -4.92
N ALA B 165 5.35 -3.44 -5.74
CA ALA B 165 4.88 -2.39 -6.63
C ALA B 165 4.40 -1.21 -5.79
N ILE B 166 4.50 -0.02 -6.36
CA ILE B 166 3.74 1.14 -5.89
C ILE B 166 2.39 1.05 -6.58
N THR B 167 1.40 0.45 -5.91
CA THR B 167 0.10 0.19 -6.51
C THR B 167 -0.82 1.38 -6.30
N GLN B 168 -1.28 1.98 -7.41
CA GLN B 168 -2.19 3.12 -7.36
C GLN B 168 -3.41 2.82 -8.21
N GLY B 169 -4.57 3.31 -7.77
CA GLY B 169 -5.80 3.15 -8.51
C GLY B 169 -6.05 4.33 -9.42
N LYS B 170 -7.22 4.30 -10.05
CA LYS B 170 -7.69 5.39 -10.89
C LYS B 170 -8.83 6.09 -10.15
N ARG B 171 -8.74 7.41 -10.00
CA ARG B 171 -9.78 8.15 -9.30
C ARG B 171 -11.01 8.35 -10.19
#